data_6JZU
#
_entry.id   6JZU
#
_cell.length_a   66.377
_cell.length_b   71.313
_cell.length_c   137.137
_cell.angle_alpha   90.00
_cell.angle_beta   90.00
_cell.angle_gamma   90.00
#
_symmetry.space_group_name_H-M   'P 21 21 21'
#
loop_
_entity.id
_entity.type
_entity.pdbx_description
1 polymer 'Long-chain acyl-[acyl-carrier-protein] reductase'
2 polymer 'Aldehyde decarbonylase'
3 non-polymer octadecanal
4 non-polymer HEXADECAN-1-OL
5 non-polymer 'FE (II) ION'
6 water water
#
loop_
_entity_poly.entity_id
_entity_poly.type
_entity_poly.pdbx_seq_one_letter_code
_entity_poly.pdbx_strand_id
1 'polypeptide(L)'
;MFGLIGHLTSLEQARDVSRRMGYDEYADQGLEFWSSAPPQIVDEITVTSATGKVIHGRYIESCFLPEMLAARRFKTATRK
VLNAMSHAQKHGIDISALGGFTSIIFENFDLASLRQVRDTTLEFERFTTGNTHTAYVICRQVEAAAKTLGIDITQATVAV
VGATGDIGSAVCRWLDLKLGVGDLILTARNQERLDNLQAELGRGKILPLEAALPEADFIVWVASMPQGVVIDPATLKQPC
VLIDGGYPKNLGSKVQGEGIYVLNGGVVEHCFDIDWQIMSAAEMARPERQMFACFAEAMLLEFEGWHTNFSWGRNQITIE
KMEAIGEASVRHGFQPLALAI
;
A
2 'polypeptide(L)'
;MRTPWDPPNPTFSLSSVSGDRRLMPQLEASLELDFQSESYKDAYSRINAIVIEGEQEAFDNYNRLAEMLPDQRDELHKLA
KMEQRHMKGFMACGKNLSVTPDMGFAQKFFERLHENFKAAAAEGKVVTCLLIQSLIIECFAIAAYNIYIPVADAFARKIT
EGVVRDEYLHRNFGEEWLKANFDASKAELEEANRQNLPLVWLMLNEVADDARELGMERESLVEDFMIAYGEALENIGFTT
REIMRMSAYGLAAV
;
B
#
# COMPACT_ATOMS: atom_id res chain seq x y z
N MET A 1 -16.55 -4.86 -8.47
CA MET A 1 -15.69 -3.72 -8.18
C MET A 1 -14.24 -4.13 -8.41
N PHE A 2 -13.55 -3.48 -9.34
CA PHE A 2 -12.13 -3.77 -9.48
C PHE A 2 -11.34 -2.78 -8.63
N GLY A 3 -10.07 -3.09 -8.41
CA GLY A 3 -9.18 -2.23 -7.66
C GLY A 3 -7.87 -2.05 -8.39
N LEU A 4 -7.27 -0.86 -8.21
CA LEU A 4 -5.95 -0.53 -8.70
C LEU A 4 -5.11 -0.09 -7.52
N ILE A 5 -4.06 -0.85 -7.21
CA ILE A 5 -3.13 -0.52 -6.14
C ILE A 5 -1.85 -0.03 -6.78
N GLY A 6 -1.47 1.21 -6.47
CA GLY A 6 -0.24 1.70 -7.03
C GLY A 6 0.56 2.48 -6.02
N HIS A 7 1.47 3.30 -6.54
CA HIS A 7 2.36 4.10 -5.74
C HIS A 7 2.96 5.16 -6.65
N LEU A 8 3.56 6.18 -6.03
CA LEU A 8 4.17 7.25 -6.79
C LEU A 8 5.61 6.89 -7.12
N THR A 9 6.21 7.69 -7.98
CA THR A 9 7.50 7.29 -8.51
C THR A 9 8.66 7.91 -7.71
N SER A 10 8.36 8.93 -6.91
CA SER A 10 9.36 9.60 -6.11
C SER A 10 8.68 10.46 -5.06
N LEU A 11 9.45 10.85 -4.07
CA LEU A 11 8.91 11.70 -3.02
C LEU A 11 8.54 13.07 -3.56
N GLU A 12 9.32 13.58 -4.51
CA GLU A 12 8.95 14.83 -5.14
C GLU A 12 7.66 14.69 -5.93
N GLN A 13 7.52 13.58 -6.68
CA GLN A 13 6.23 13.37 -7.35
C GLN A 13 5.10 13.18 -6.34
N ALA A 14 5.36 12.41 -5.28
CA ALA A 14 4.32 12.22 -4.27
C ALA A 14 3.93 13.54 -3.60
N ARG A 15 4.91 14.39 -3.28
CA ARG A 15 4.56 15.68 -2.68
C ARG A 15 3.84 16.58 -3.66
N ASP A 16 4.20 16.51 -4.95
CA ASP A 16 3.54 17.34 -5.95
C ASP A 16 2.13 16.86 -6.24
N VAL A 17 1.92 15.56 -6.37
CA VAL A 17 0.60 15.04 -6.70
C VAL A 17 -0.36 15.25 -5.54
N SER A 18 0.15 15.11 -4.31
CA SER A 18 -0.67 15.38 -3.14
C SER A 18 -1.12 16.82 -3.09
N ARG A 19 -0.19 17.75 -3.29
CA ARG A 19 -0.56 19.15 -3.29
C ARG A 19 -1.52 19.47 -4.42
N ARG A 20 -1.41 18.80 -5.56
CA ARG A 20 -2.30 19.08 -6.69
C ARG A 20 -3.71 18.57 -6.45
N MET A 21 -3.86 17.38 -5.86
CA MET A 21 -5.13 17.04 -5.24
C MET A 21 -5.23 17.81 -3.93
N GLY A 22 -6.23 17.54 -3.12
CA GLY A 22 -6.35 18.35 -1.94
C GLY A 22 -5.47 17.97 -0.77
N TYR A 23 -4.58 17.00 -0.96
CA TYR A 23 -3.95 16.29 0.15
C TYR A 23 -2.69 17.01 0.63
N ASP A 24 -2.91 18.21 1.19
CA ASP A 24 -1.82 19.06 1.65
C ASP A 24 -1.04 18.46 2.82
N GLU A 25 -1.69 17.62 3.63
CA GLU A 25 -1.01 17.03 4.78
C GLU A 25 0.10 16.09 4.33
N TYR A 26 -0.06 15.45 3.18
CA TYR A 26 0.96 14.56 2.64
C TYR A 26 1.99 15.32 1.81
N ALA A 27 1.58 16.48 1.27
CA ALA A 27 2.50 17.29 0.47
C ALA A 27 3.59 17.94 1.31
N ASP A 28 3.33 18.20 2.59
CA ASP A 28 4.28 18.94 3.42
C ASP A 28 5.35 18.07 4.07
N GLN A 29 5.25 16.74 3.97
CA GLN A 29 6.03 15.82 4.80
C GLN A 29 6.97 14.96 3.95
N GLY A 30 7.95 14.36 4.64
CA GLY A 30 9.02 13.62 4.01
C GLY A 30 8.89 12.11 4.17
N LEU A 31 10.03 11.44 4.02
CA LEU A 31 10.03 9.98 3.91
C LEU A 31 9.47 9.31 5.16
N GLU A 32 9.78 9.84 6.35
CA GLU A 32 9.33 9.18 7.59
C GLU A 32 7.80 9.21 7.71
N PHE A 33 7.16 10.29 7.26
CA PHE A 33 5.70 10.35 7.29
C PHE A 33 5.08 9.36 6.31
N TRP A 34 5.61 9.30 5.10
CA TRP A 34 5.09 8.34 4.13
C TRP A 34 5.31 6.91 4.61
N SER A 35 6.38 6.68 5.38
CA SER A 35 6.69 5.36 5.89
C SER A 35 5.70 4.89 6.94
N SER A 36 4.98 5.81 7.59
CA SER A 36 3.93 5.41 8.53
C SER A 36 2.52 5.70 8.03
N ALA A 37 2.37 6.13 6.78
CA ALA A 37 1.04 6.56 6.33
C ALA A 37 0.16 5.35 5.98
N PRO A 38 -1.15 5.43 6.26
CA PRO A 38 -2.04 4.33 5.94
C PRO A 38 -2.43 4.35 4.46
N PRO A 39 -2.88 3.21 3.90
CA PRO A 39 -3.40 3.22 2.53
C PRO A 39 -4.66 4.06 2.44
N GLN A 40 -4.94 4.60 1.26
CA GLN A 40 -6.12 5.45 1.09
C GLN A 40 -6.77 5.22 -0.27
N ILE A 41 -8.09 5.04 -0.28
CA ILE A 41 -8.82 5.10 -1.55
C ILE A 41 -8.95 6.55 -1.97
N VAL A 42 -8.36 6.89 -3.10
CA VAL A 42 -8.30 8.27 -3.54
C VAL A 42 -8.94 8.50 -4.91
N ASP A 43 -9.68 7.51 -5.46
CA ASP A 43 -10.35 7.78 -6.74
C ASP A 43 -11.38 6.71 -7.03
N GLU A 44 -12.55 7.15 -7.52
CA GLU A 44 -13.61 6.26 -7.96
C GLU A 44 -13.66 6.27 -9.48
N ILE A 45 -13.81 5.10 -10.08
CA ILE A 45 -13.54 4.90 -11.49
C ILE A 45 -14.75 4.21 -12.10
N THR A 46 -15.24 4.75 -13.22
CA THR A 46 -16.21 4.07 -14.05
C THR A 46 -15.66 3.95 -15.46
N VAL A 47 -15.75 2.75 -16.03
CA VAL A 47 -15.26 2.45 -17.35
C VAL A 47 -16.38 1.75 -18.11
N THR A 48 -16.56 2.13 -19.37
CA THR A 48 -17.46 1.43 -20.29
C THR A 48 -16.65 0.69 -21.33
N SER A 49 -16.93 -0.59 -21.49
CA SER A 49 -16.33 -1.41 -22.53
C SER A 49 -16.89 -1.04 -23.91
N ALA A 50 -16.15 -1.44 -24.94
CA ALA A 50 -16.67 -1.36 -26.31
C ALA A 50 -17.91 -2.25 -26.48
N THR A 51 -18.04 -3.30 -25.68
CA THR A 51 -19.24 -4.13 -25.68
C THR A 51 -20.42 -3.47 -24.98
N GLY A 52 -20.23 -2.32 -24.33
CA GLY A 52 -21.30 -1.64 -23.63
C GLY A 52 -21.35 -1.88 -22.14
N LYS A 53 -20.70 -2.91 -21.63
CA LYS A 53 -20.75 -3.18 -20.19
C LYS A 53 -20.01 -2.12 -19.38
N VAL A 54 -20.62 -1.72 -18.27
CA VAL A 54 -20.07 -0.68 -17.41
C VAL A 54 -19.53 -1.37 -16.16
N ILE A 55 -18.30 -1.02 -15.77
CA ILE A 55 -17.71 -1.55 -14.54
C ILE A 55 -17.30 -0.38 -13.66
N HIS A 56 -17.05 -0.68 -12.38
CA HIS A 56 -16.69 0.32 -11.40
C HIS A 56 -15.46 -0.14 -10.63
N GLY A 57 -14.65 0.83 -10.20
CA GLY A 57 -13.38 0.50 -9.60
C GLY A 57 -12.91 1.60 -8.68
N ARG A 58 -11.82 1.31 -7.97
CA ARG A 58 -11.25 2.20 -6.98
C ARG A 58 -9.73 2.19 -7.10
N TYR A 59 -9.11 3.37 -6.95
CA TYR A 59 -7.67 3.45 -6.85
C TYR A 59 -7.25 3.53 -5.38
N ILE A 60 -6.32 2.66 -4.99
CA ILE A 60 -5.79 2.64 -3.63
C ILE A 60 -4.34 3.09 -3.70
N GLU A 61 -4.01 4.16 -2.99
CA GLU A 61 -2.62 4.59 -2.89
C GLU A 61 -1.94 3.82 -1.75
N SER A 62 -0.88 3.10 -2.06
CA SER A 62 -0.17 2.32 -1.08
C SER A 62 0.79 3.14 -0.24
N CYS A 63 1.22 4.31 -0.73
CA CYS A 63 2.22 5.17 -0.11
C CYS A 63 3.60 4.53 -0.10
N PHE A 64 3.80 3.46 -0.87
CA PHE A 64 5.15 2.99 -1.10
C PHE A 64 5.92 4.01 -1.95
N LEU A 65 7.18 4.24 -1.59
CA LEU A 65 8.04 5.06 -2.45
C LEU A 65 9.34 4.33 -2.74
N PRO A 66 9.83 4.40 -3.98
CA PRO A 66 11.07 3.68 -4.32
C PRO A 66 12.26 3.99 -3.42
N GLU A 67 12.42 5.24 -2.96
CA GLU A 67 13.49 5.55 -2.01
C GLU A 67 13.49 4.68 -0.76
N MET A 68 12.33 4.15 -0.34
CA MET A 68 12.35 3.22 0.78
C MET A 68 13.30 2.06 0.54
N LEU A 69 13.46 1.61 -0.71
CA LEU A 69 14.33 0.46 -0.92
C LEU A 69 15.80 0.86 -0.84
N ALA A 70 16.15 2.03 -1.38
CA ALA A 70 17.53 2.49 -1.29
C ALA A 70 17.91 2.78 0.17
N ALA A 71 16.98 3.33 0.94
CA ALA A 71 17.19 3.51 2.36
C ALA A 71 17.04 2.22 3.15
N ARG A 72 16.86 1.09 2.46
CA ARG A 72 16.82 -0.24 3.08
C ARG A 72 15.68 -0.40 4.08
N ARG A 73 14.62 0.40 3.95
CA ARG A 73 13.41 0.23 4.74
C ARG A 73 12.59 -0.95 4.21
N PHE A 74 13.21 -2.14 4.25
CA PHE A 74 12.57 -3.29 3.63
C PHE A 74 11.28 -3.65 4.35
N LYS A 75 11.26 -3.54 5.67
CA LYS A 75 10.04 -3.89 6.37
C LYS A 75 8.97 -2.83 6.16
N THR A 76 9.35 -1.56 6.12
CA THR A 76 8.40 -0.52 5.73
C THR A 76 7.74 -0.86 4.40
N ALA A 77 8.55 -1.21 3.41
CA ALA A 77 8.00 -1.44 2.08
C ALA A 77 7.01 -2.60 2.11
N THR A 78 7.36 -3.65 2.85
CA THR A 78 6.50 -4.82 3.00
C THR A 78 5.15 -4.43 3.61
N ARG A 79 5.17 -3.64 4.67
CA ARG A 79 3.90 -3.19 5.27
C ARG A 79 3.07 -2.36 4.28
N LYS A 80 3.70 -1.51 3.47
CA LYS A 80 2.90 -0.70 2.54
C LYS A 80 2.06 -1.62 1.65
N VAL A 81 2.66 -2.69 1.15
CA VAL A 81 1.98 -3.57 0.22
C VAL A 81 0.90 -4.35 0.94
N LEU A 82 1.22 -4.92 2.11
CA LEU A 82 0.23 -5.72 2.83
C LEU A 82 -0.93 -4.87 3.33
N ASN A 83 -0.64 -3.65 3.80
CA ASN A 83 -1.72 -2.77 4.26
C ASN A 83 -2.65 -2.39 3.11
N ALA A 84 -2.07 -2.13 1.93
CA ALA A 84 -2.88 -1.81 0.75
C ALA A 84 -3.76 -2.97 0.34
N MET A 85 -3.21 -4.20 0.31
CA MET A 85 -4.03 -5.36 -0.05
C MET A 85 -5.13 -5.60 0.98
N SER A 86 -4.79 -5.51 2.26
CA SER A 86 -5.80 -5.62 3.31
C SER A 86 -6.87 -4.55 3.14
N HIS A 87 -6.47 -3.33 2.79
N HIS A 87 -6.46 -3.35 2.75
CA HIS A 87 -7.45 -2.27 2.57
CA HIS A 87 -7.40 -2.24 2.54
C HIS A 87 -8.41 -2.63 1.44
C HIS A 87 -8.38 -2.56 1.41
N ALA A 88 -7.89 -3.19 0.34
CA ALA A 88 -8.77 -3.55 -0.77
C ALA A 88 -9.79 -4.61 -0.35
N GLN A 89 -9.33 -5.62 0.38
CA GLN A 89 -10.21 -6.69 0.82
C GLN A 89 -11.27 -6.17 1.78
N LYS A 90 -10.85 -5.31 2.72
CA LYS A 90 -11.79 -4.77 3.71
C LYS A 90 -12.92 -4.02 3.05
N HIS A 91 -12.67 -3.42 1.89
CA HIS A 91 -13.69 -2.65 1.18
C HIS A 91 -14.41 -3.50 0.15
N GLY A 92 -14.18 -4.81 0.14
CA GLY A 92 -14.96 -5.70 -0.73
C GLY A 92 -14.63 -5.63 -2.20
N ILE A 93 -13.41 -5.24 -2.55
CA ILE A 93 -13.04 -5.19 -3.97
C ILE A 93 -12.79 -6.61 -4.45
N ASP A 94 -13.44 -6.98 -5.57
CA ASP A 94 -13.35 -8.35 -6.10
C ASP A 94 -12.00 -8.65 -6.72
N ILE A 95 -11.42 -7.73 -7.49
CA ILE A 95 -10.17 -8.05 -8.17
C ILE A 95 -9.31 -6.79 -8.26
N SER A 96 -8.09 -6.86 -7.73
CA SER A 96 -7.21 -5.70 -7.62
C SER A 96 -5.89 -5.97 -8.33
N ALA A 97 -5.44 -4.97 -9.11
CA ALA A 97 -4.10 -5.01 -9.71
C ALA A 97 -3.03 -4.51 -8.72
N LEU A 98 -1.96 -5.31 -8.54
CA LEU A 98 -0.80 -4.89 -7.74
C LEU A 98 0.17 -4.19 -8.68
N GLY A 99 0.07 -2.87 -8.77
CA GLY A 99 0.83 -2.14 -9.76
C GLY A 99 2.26 -1.88 -9.34
N GLY A 100 3.14 -1.83 -10.34
CA GLY A 100 4.48 -1.30 -10.16
C GLY A 100 5.27 -2.19 -9.23
N PHE A 101 5.94 -1.58 -8.26
CA PHE A 101 6.78 -2.34 -7.33
C PHE A 101 5.99 -3.12 -6.29
N THR A 102 4.69 -2.89 -6.13
CA THR A 102 3.98 -3.67 -5.12
C THR A 102 3.95 -5.16 -5.49
N SER A 103 3.89 -5.50 -6.77
CA SER A 103 3.95 -6.93 -7.11
C SER A 103 5.36 -7.47 -6.96
N ILE A 104 6.36 -6.65 -7.28
CA ILE A 104 7.76 -7.03 -7.13
C ILE A 104 8.12 -7.24 -5.67
N ILE A 105 7.69 -6.31 -4.80
CA ILE A 105 7.91 -6.47 -3.37
C ILE A 105 7.21 -7.72 -2.87
N PHE A 106 5.98 -7.94 -3.33
CA PHE A 106 5.22 -9.10 -2.89
C PHE A 106 5.99 -10.40 -3.12
N GLU A 107 6.67 -10.50 -4.27
CA GLU A 107 7.37 -11.72 -4.66
C GLU A 107 8.74 -11.81 -4.03
N ASN A 108 9.50 -10.72 -4.07
CA ASN A 108 10.90 -10.73 -3.62
C ASN A 108 11.01 -10.95 -2.13
N PHE A 109 9.99 -10.58 -1.37
CA PHE A 109 10.02 -10.70 0.08
C PHE A 109 9.08 -11.77 0.58
N ASP A 110 8.65 -12.67 -0.29
CA ASP A 110 7.83 -13.82 0.07
C ASP A 110 6.65 -13.37 0.96
N LEU A 111 5.86 -12.45 0.42
CA LEU A 111 4.76 -11.93 1.23
C LEU A 111 3.61 -12.94 1.36
N ALA A 112 3.57 -13.98 0.52
CA ALA A 112 2.58 -15.04 0.69
C ALA A 112 2.60 -15.63 2.10
N SER A 113 3.77 -15.70 2.72
CA SER A 113 3.88 -16.26 4.06
C SER A 113 3.60 -15.24 5.16
N LEU A 114 3.10 -14.05 4.79
CA LEU A 114 2.70 -13.03 5.75
C LEU A 114 1.24 -12.62 5.55
N ARG A 115 0.40 -13.54 5.11
CA ARG A 115 -0.93 -13.16 4.62
C ARG A 115 -1.91 -12.78 5.74
N GLN A 116 -1.54 -12.91 7.01
CA GLN A 116 -2.39 -12.44 8.08
C GLN A 116 -1.98 -11.01 8.42
N VAL A 117 -2.83 -10.06 8.10
CA VAL A 117 -2.56 -8.65 8.30
C VAL A 117 -3.61 -8.15 9.28
N ARG A 118 -3.19 -7.87 10.51
CA ARG A 118 -4.09 -7.55 11.61
C ARG A 118 -5.21 -8.58 11.65
N ASP A 119 -6.45 -8.13 11.57
CA ASP A 119 -7.57 -9.08 11.64
C ASP A 119 -7.92 -9.70 10.29
N THR A 120 -7.15 -9.43 9.24
CA THR A 120 -7.45 -9.84 7.87
C THR A 120 -6.54 -10.98 7.43
N THR A 121 -7.11 -11.95 6.74
CA THR A 121 -6.33 -12.95 6.01
C THR A 121 -6.46 -12.67 4.52
N LEU A 122 -5.33 -12.36 3.87
CA LEU A 122 -5.36 -12.02 2.46
C LEU A 122 -5.80 -13.20 1.64
N GLU A 123 -6.63 -12.93 0.63
CA GLU A 123 -7.16 -13.93 -0.28
C GLU A 123 -6.56 -13.62 -1.66
N PHE A 124 -5.54 -14.38 -2.04
CA PHE A 124 -4.75 -14.05 -3.22
C PHE A 124 -5.57 -14.11 -4.51
N GLU A 125 -6.69 -14.80 -4.53
CA GLU A 125 -7.44 -14.82 -5.77
C GLU A 125 -8.19 -13.51 -6.02
N ARG A 126 -8.14 -12.57 -5.10
CA ARG A 126 -8.68 -11.23 -5.28
C ARG A 126 -7.65 -10.24 -5.83
N PHE A 127 -6.45 -10.69 -6.18
CA PHE A 127 -5.37 -9.84 -6.68
C PHE A 127 -4.75 -10.41 -7.94
N THR A 128 -4.30 -9.53 -8.81
CA THR A 128 -3.48 -9.94 -9.95
C THR A 128 -2.30 -9.00 -10.05
N THR A 129 -1.20 -9.48 -10.63
CA THR A 129 -0.09 -8.58 -10.88
C THR A 129 -0.30 -7.76 -12.14
N GLY A 130 -1.23 -8.16 -13.01
CA GLY A 130 -1.39 -7.54 -14.30
C GLY A 130 -0.29 -7.82 -15.30
N ASN A 131 0.69 -8.67 -14.97
CA ASN A 131 1.87 -8.84 -15.80
C ASN A 131 1.58 -9.53 -17.13
N THR A 132 0.60 -10.43 -17.18
CA THR A 132 0.28 -11.09 -18.44
C THR A 132 -0.14 -10.07 -19.49
N HIS A 133 -1.03 -9.15 -19.12
CA HIS A 133 -1.47 -8.12 -20.04
C HIS A 133 -0.32 -7.19 -20.41
N THR A 134 0.52 -6.84 -19.44
CA THR A 134 1.67 -5.98 -19.73
C THR A 134 2.61 -6.62 -20.73
N ALA A 135 2.91 -7.90 -20.53
CA ALA A 135 3.77 -8.62 -21.46
C ALA A 135 3.15 -8.67 -22.85
N TYR A 136 1.85 -8.94 -22.92
CA TYR A 136 1.17 -8.95 -24.22
C TYR A 136 1.28 -7.60 -24.90
N VAL A 137 1.00 -6.52 -24.16
CA VAL A 137 0.99 -5.20 -24.76
C VAL A 137 2.38 -4.83 -25.28
N ILE A 138 3.42 -5.17 -24.51
CA ILE A 138 4.77 -4.83 -24.91
C ILE A 138 5.14 -5.57 -26.20
N CYS A 139 4.73 -6.83 -26.31
CA CYS A 139 4.99 -7.57 -27.54
C CYS A 139 4.29 -6.94 -28.74
N ARG A 140 3.04 -6.51 -28.57
CA ARG A 140 2.36 -5.82 -29.65
C ARG A 140 3.06 -4.51 -29.99
N GLN A 141 3.65 -3.85 -28.99
CA GLN A 141 4.33 -2.59 -29.26
C GLN A 141 5.61 -2.81 -30.04
N VAL A 142 6.33 -3.89 -29.75
CA VAL A 142 7.51 -4.24 -30.54
C VAL A 142 7.09 -4.46 -31.99
N GLU A 143 6.13 -5.37 -32.19
CA GLU A 143 5.61 -5.69 -33.52
C GLU A 143 5.21 -4.43 -34.30
N ALA A 144 4.41 -3.57 -33.68
CA ALA A 144 3.88 -2.40 -34.38
C ALA A 144 4.97 -1.37 -34.64
N ALA A 145 5.88 -1.17 -33.67
CA ALA A 145 6.95 -0.21 -33.88
C ALA A 145 7.84 -0.63 -35.04
N ALA A 146 8.07 -1.94 -35.17
CA ALA A 146 8.86 -2.45 -36.29
C ALA A 146 8.18 -2.15 -37.63
N LYS A 147 6.90 -2.50 -37.75
CA LYS A 147 6.18 -2.18 -38.98
C LYS A 147 6.19 -0.67 -39.26
N THR A 148 6.03 0.14 -38.21
CA THR A 148 5.97 1.58 -38.37
C THR A 148 7.29 2.17 -38.92
N LEU A 149 8.43 1.59 -38.56
CA LEU A 149 9.75 2.09 -38.98
C LEU A 149 10.30 1.34 -40.19
N GLY A 150 9.58 0.35 -40.70
CA GLY A 150 10.08 -0.36 -41.86
C GLY A 150 11.13 -1.37 -41.49
N ILE A 151 11.11 -1.84 -40.27
CA ILE A 151 12.06 -2.84 -39.78
C ILE A 151 11.40 -4.22 -39.87
N ASP A 152 12.16 -5.19 -40.36
CA ASP A 152 11.71 -6.57 -40.42
C ASP A 152 12.11 -7.22 -39.10
N ILE A 153 11.11 -7.48 -38.23
CA ILE A 153 11.40 -8.04 -36.91
C ILE A 153 12.07 -9.40 -37.01
N THR A 154 11.77 -10.19 -38.06
CA THR A 154 12.41 -11.49 -38.19
C THR A 154 13.90 -11.38 -38.56
N GLN A 155 14.37 -10.19 -38.96
CA GLN A 155 15.78 -9.96 -39.28
C GLN A 155 16.49 -9.11 -38.22
N ALA A 156 15.83 -8.79 -37.12
CA ALA A 156 16.36 -7.79 -36.20
C ALA A 156 16.73 -8.41 -34.86
N THR A 157 17.49 -7.65 -34.09
CA THR A 157 17.91 -8.02 -32.74
C THR A 157 17.10 -7.25 -31.71
N VAL A 158 16.52 -7.99 -30.75
CA VAL A 158 15.82 -7.43 -29.61
C VAL A 158 16.57 -7.84 -28.35
N ALA A 159 16.91 -6.85 -27.52
CA ALA A 159 17.46 -7.09 -26.19
C ALA A 159 16.36 -6.90 -25.17
N VAL A 160 16.21 -7.88 -24.29
CA VAL A 160 15.24 -7.83 -23.22
C VAL A 160 16.03 -7.60 -21.93
N VAL A 161 15.97 -6.38 -21.41
CA VAL A 161 16.64 -6.04 -20.15
C VAL A 161 15.67 -6.35 -19.01
N GLY A 162 16.05 -7.28 -18.14
CA GLY A 162 15.15 -7.90 -17.21
C GLY A 162 14.54 -9.19 -17.71
N ALA A 163 15.27 -9.96 -18.53
CA ALA A 163 14.68 -11.08 -19.24
C ALA A 163 14.24 -12.20 -18.32
N THR A 164 14.80 -12.29 -17.12
CA THR A 164 14.44 -13.36 -16.19
C THR A 164 13.20 -13.02 -15.38
N GLY A 165 12.81 -11.75 -15.35
CA GLY A 165 11.63 -11.33 -14.62
C GLY A 165 10.37 -11.96 -15.18
N ASP A 166 9.30 -11.76 -14.43
CA ASP A 166 8.01 -12.30 -14.83
C ASP A 166 7.59 -11.76 -16.20
N ILE A 167 7.63 -10.44 -16.40
CA ILE A 167 7.24 -9.87 -17.69
C ILE A 167 8.28 -10.20 -18.74
N GLY A 168 9.56 -10.00 -18.39
CA GLY A 168 10.63 -10.21 -19.34
C GLY A 168 10.65 -11.62 -19.92
N SER A 169 10.41 -12.63 -19.08
CA SER A 169 10.45 -13.99 -19.58
C SER A 169 9.26 -14.29 -20.49
N ALA A 170 8.11 -13.68 -20.21
CA ALA A 170 6.96 -13.83 -21.09
C ALA A 170 7.23 -13.20 -22.45
N VAL A 171 7.72 -11.97 -22.45
CA VAL A 171 8.05 -11.27 -23.69
C VAL A 171 9.01 -12.11 -24.53
N CYS A 172 10.03 -12.72 -23.90
CA CYS A 172 10.96 -13.57 -24.64
C CYS A 172 10.26 -14.73 -25.33
N ARG A 173 9.36 -15.41 -24.62
CA ARG A 173 8.64 -16.54 -25.20
C ARG A 173 7.79 -16.12 -26.40
N TRP A 174 7.07 -15.00 -26.29
CA TRP A 174 6.24 -14.53 -27.39
C TRP A 174 7.09 -13.98 -28.54
N LEU A 175 8.16 -13.23 -28.23
CA LEU A 175 9.02 -12.74 -29.31
C LEU A 175 9.57 -13.90 -30.12
N ASP A 176 9.84 -15.02 -29.46
CA ASP A 176 10.33 -16.22 -30.14
C ASP A 176 9.22 -16.92 -30.93
N LEU A 177 8.18 -17.38 -30.23
CA LEU A 177 7.20 -18.29 -30.83
C LEU A 177 6.13 -17.61 -31.66
N LYS A 178 5.82 -16.32 -31.43
CA LYS A 178 4.76 -15.65 -32.18
C LYS A 178 5.27 -14.62 -33.15
N LEU A 179 6.45 -14.05 -32.92
CA LEU A 179 7.00 -13.05 -33.81
C LEU A 179 8.20 -13.57 -34.61
N GLY A 180 8.80 -14.68 -34.21
CA GLY A 180 10.00 -15.17 -34.86
C GLY A 180 11.08 -14.10 -35.01
N VAL A 181 11.40 -13.44 -33.90
CA VAL A 181 12.42 -12.39 -33.91
C VAL A 181 13.76 -12.97 -34.38
N GLY A 182 14.52 -12.14 -35.10
CA GLY A 182 15.82 -12.52 -35.64
C GLY A 182 16.73 -13.12 -34.60
N ASP A 183 17.17 -12.30 -33.64
CA ASP A 183 17.85 -12.88 -32.49
C ASP A 183 17.50 -12.11 -31.24
N LEU A 184 17.71 -12.77 -30.12
CA LEU A 184 17.23 -12.33 -28.83
C LEU A 184 18.45 -12.21 -27.92
N ILE A 185 18.63 -11.05 -27.30
CA ILE A 185 19.69 -10.84 -26.32
C ILE A 185 19.05 -10.84 -24.94
N LEU A 186 19.49 -11.75 -24.07
CA LEU A 186 18.98 -11.85 -22.72
C LEU A 186 19.92 -11.15 -21.75
N THR A 187 19.38 -10.26 -20.92
CA THR A 187 20.17 -9.44 -20.01
C THR A 187 19.46 -9.39 -18.66
N ALA A 188 20.23 -9.54 -17.59
CA ALA A 188 19.69 -9.65 -16.24
C ALA A 188 20.83 -9.77 -15.22
N ARG A 189 20.51 -9.84 -13.95
CA ARG A 189 21.57 -9.91 -12.91
C ARG A 189 21.92 -11.34 -12.49
N ASN A 190 20.95 -12.23 -12.43
CA ASN A 190 21.19 -13.59 -11.95
C ASN A 190 21.66 -14.49 -13.08
N GLN A 191 22.90 -14.96 -13.01
CA GLN A 191 23.42 -15.83 -14.05
C GLN A 191 22.62 -17.12 -14.16
N GLU A 192 22.30 -17.75 -13.03
CA GLU A 192 21.61 -19.03 -13.10
C GLU A 192 20.23 -18.88 -13.71
N ARG A 193 19.51 -17.81 -13.36
CA ARG A 193 18.20 -17.57 -13.97
C ARG A 193 18.34 -17.34 -15.48
N LEU A 194 19.39 -16.62 -15.89
CA LEU A 194 19.63 -16.46 -17.32
C LEU A 194 19.89 -17.82 -17.98
N ASP A 195 20.81 -18.61 -17.41
CA ASP A 195 21.12 -19.92 -17.97
C ASP A 195 19.87 -20.76 -18.14
N ASN A 196 18.99 -20.74 -17.13
CA ASN A 196 17.76 -21.51 -17.22
C ASN A 196 16.80 -20.96 -18.27
N LEU A 197 16.75 -19.63 -18.44
CA LEU A 197 15.83 -19.06 -19.43
C LEU A 197 16.30 -19.37 -20.84
N GLN A 198 17.62 -19.32 -21.06
CA GLN A 198 18.17 -19.71 -22.35
C GLN A 198 17.85 -21.16 -22.69
N ALA A 199 17.96 -22.07 -21.71
CA ALA A 199 17.62 -23.47 -21.98
C ALA A 199 16.14 -23.62 -22.34
N GLU A 200 15.25 -23.05 -21.53
CA GLU A 200 13.82 -23.21 -21.80
C GLU A 200 13.42 -22.55 -23.12
N LEU A 201 14.09 -21.44 -23.49
CA LEU A 201 13.81 -20.84 -24.78
C LEU A 201 14.46 -21.61 -25.92
N GLY A 202 15.59 -22.27 -25.67
CA GLY A 202 16.29 -22.93 -26.75
C GLY A 202 16.98 -22.00 -27.72
N ARG A 203 17.17 -20.73 -27.34
CA ARG A 203 17.86 -19.75 -28.17
C ARG A 203 18.19 -18.55 -27.29
N GLY A 204 18.93 -17.60 -27.87
CA GLY A 204 19.27 -16.36 -27.21
C GLY A 204 20.68 -16.30 -26.67
N LYS A 205 21.36 -15.17 -26.85
CA LYS A 205 22.66 -14.95 -26.24
C LYS A 205 22.50 -14.24 -24.92
N ILE A 206 23.35 -14.58 -23.96
CA ILE A 206 23.39 -13.91 -22.67
C ILE A 206 24.49 -12.86 -22.72
N LEU A 207 24.13 -11.61 -22.51
CA LEU A 207 25.13 -10.54 -22.54
C LEU A 207 24.91 -9.60 -21.37
N PRO A 208 25.97 -9.04 -20.81
CA PRO A 208 25.79 -7.91 -19.88
C PRO A 208 25.19 -6.72 -20.62
N LEU A 209 24.56 -5.85 -19.84
CA LEU A 209 23.91 -4.67 -20.40
C LEU A 209 24.84 -3.86 -21.30
N GLU A 210 26.07 -3.63 -20.84
CA GLU A 210 26.95 -2.72 -21.56
C GLU A 210 27.30 -3.26 -22.95
N ALA A 211 27.29 -4.58 -23.12
CA ALA A 211 27.48 -5.20 -24.43
C ALA A 211 26.18 -5.47 -25.18
N ALA A 212 25.03 -5.53 -24.49
CA ALA A 212 23.79 -5.78 -25.19
C ALA A 212 23.33 -4.54 -25.97
N LEU A 213 23.37 -3.35 -25.34
CA LEU A 213 22.99 -2.06 -25.90
C LEU A 213 23.44 -1.86 -27.34
N PRO A 214 24.73 -1.90 -27.65
CA PRO A 214 25.16 -1.54 -29.01
C PRO A 214 24.74 -2.56 -30.07
N GLU A 215 24.24 -3.72 -29.68
CA GLU A 215 23.86 -4.76 -30.63
C GLU A 215 22.37 -4.79 -30.96
N ALA A 216 21.55 -4.02 -30.26
CA ALA A 216 20.11 -4.21 -30.29
C ALA A 216 19.43 -3.20 -31.21
N ASP A 217 18.52 -3.70 -32.05
CA ASP A 217 17.65 -2.79 -32.81
C ASP A 217 16.48 -2.30 -31.95
N PHE A 218 15.97 -3.17 -31.08
CA PHE A 218 14.97 -2.86 -30.07
C PHE A 218 15.51 -3.24 -28.70
N ILE A 219 15.32 -2.37 -27.72
CA ILE A 219 15.62 -2.73 -26.34
C ILE A 219 14.31 -2.66 -25.56
N VAL A 220 13.88 -3.80 -25.03
CA VAL A 220 12.75 -3.85 -24.11
C VAL A 220 13.26 -3.75 -22.67
N TRP A 221 12.89 -2.68 -21.97
CA TRP A 221 13.31 -2.43 -20.58
C TRP A 221 12.21 -2.89 -19.62
N VAL A 222 12.38 -4.05 -19.02
CA VAL A 222 11.46 -4.51 -17.98
C VAL A 222 12.24 -4.94 -16.74
N ALA A 223 13.27 -4.18 -16.36
CA ALA A 223 14.05 -4.48 -15.16
C ALA A 223 13.40 -3.85 -13.93
N SER A 224 13.60 -4.50 -12.79
N SER A 224 13.56 -4.54 -12.79
CA SER A 224 13.05 -4.05 -11.50
CA SER A 224 13.07 -4.07 -11.48
C SER A 224 13.96 -3.03 -10.83
C SER A 224 14.08 -3.08 -10.89
N MET A 225 14.14 -1.91 -11.50
CA MET A 225 15.09 -0.89 -11.05
C MET A 225 14.36 0.14 -10.20
N PRO A 226 14.73 0.32 -8.93
CA PRO A 226 14.13 1.41 -8.15
C PRO A 226 14.40 2.80 -8.72
N GLN A 227 15.44 2.98 -9.53
CA GLN A 227 15.99 4.30 -9.80
C GLN A 227 15.99 4.71 -11.26
N GLY A 228 16.50 3.90 -12.16
CA GLY A 228 16.53 4.34 -13.53
C GLY A 228 17.94 4.71 -13.96
N VAL A 229 18.47 4.08 -15.00
CA VAL A 229 19.85 4.30 -15.43
C VAL A 229 19.89 5.37 -16.52
N VAL A 230 21.08 5.94 -16.73
CA VAL A 230 21.30 7.00 -17.68
C VAL A 230 22.05 6.40 -18.86
N ILE A 231 21.40 6.35 -20.02
CA ILE A 231 21.92 5.71 -21.22
C ILE A 231 22.32 6.81 -22.19
N ASP A 232 23.58 6.81 -22.64
CA ASP A 232 24.00 7.81 -23.61
C ASP A 232 23.59 7.40 -25.02
N PRO A 233 22.95 8.30 -25.78
CA PRO A 233 22.57 7.97 -27.17
C PRO A 233 23.70 7.39 -27.99
N ALA A 234 24.92 7.86 -27.75
CA ALA A 234 26.05 7.50 -28.61
C ALA A 234 26.40 6.01 -28.53
N THR A 235 25.90 5.30 -27.53
CA THR A 235 26.23 3.89 -27.39
C THR A 235 25.31 2.98 -28.21
N LEU A 236 24.26 3.52 -28.81
CA LEU A 236 23.21 2.71 -29.42
C LEU A 236 23.31 2.72 -30.94
N LYS A 237 22.75 1.67 -31.55
CA LYS A 237 22.59 1.61 -33.00
C LYS A 237 21.68 2.74 -33.50
N GLN A 238 21.66 2.89 -34.82
CA GLN A 238 20.74 3.83 -35.48
C GLN A 238 19.99 3.11 -36.62
N PRO A 239 18.64 3.17 -36.72
CA PRO A 239 17.80 3.58 -35.60
C PRO A 239 17.61 2.52 -34.50
N CYS A 240 17.40 2.99 -33.26
CA CYS A 240 17.19 2.19 -32.07
C CYS A 240 15.80 2.49 -31.51
N VAL A 241 15.08 1.44 -31.10
CA VAL A 241 13.76 1.59 -30.49
C VAL A 241 13.85 1.12 -29.04
N LEU A 242 13.67 2.07 -28.12
CA LEU A 242 13.67 1.79 -26.69
C LEU A 242 12.21 1.69 -26.23
N ILE A 243 11.82 0.50 -25.79
CA ILE A 243 10.52 0.27 -25.19
C ILE A 243 10.75 0.14 -23.68
N ASP A 244 10.45 1.21 -22.96
CA ASP A 244 10.72 1.33 -21.53
C ASP A 244 9.46 0.93 -20.78
N GLY A 245 9.39 -0.32 -20.32
CA GLY A 245 8.25 -0.81 -19.58
C GLY A 245 8.37 -0.71 -18.07
N GLY A 246 9.34 0.03 -17.53
CA GLY A 246 9.58 0.02 -16.10
C GLY A 246 8.74 1.06 -15.36
N TYR A 247 8.43 0.74 -14.11
CA TYR A 247 7.80 1.71 -13.21
C TYR A 247 8.45 1.59 -11.85
N PRO A 248 9.33 2.54 -11.47
CA PRO A 248 9.72 3.71 -12.29
C PRO A 248 10.41 3.33 -13.62
N LYS A 249 10.39 4.26 -14.55
CA LYS A 249 11.03 4.08 -15.85
C LYS A 249 12.47 3.59 -15.68
N ASN A 250 12.83 2.57 -16.46
CA ASN A 250 14.21 2.09 -16.44
C ASN A 250 15.17 3.12 -17.01
N LEU A 251 14.68 4.04 -17.85
CA LEU A 251 15.52 5.09 -18.45
C LEU A 251 15.44 6.32 -17.56
N GLY A 252 16.47 6.51 -16.72
CA GLY A 252 16.52 7.60 -15.76
C GLY A 252 16.68 8.98 -16.37
N SER A 253 16.70 9.08 -17.70
CA SER A 253 16.92 10.35 -18.38
C SER A 253 16.29 10.27 -19.77
N LYS A 254 16.16 11.43 -20.40
CA LYS A 254 15.60 11.50 -21.74
C LYS A 254 16.66 11.10 -22.74
N VAL A 255 16.51 9.92 -23.31
CA VAL A 255 17.40 9.41 -24.34
C VAL A 255 16.86 9.91 -25.69
N GLN A 256 17.48 10.96 -26.22
CA GLN A 256 17.02 11.61 -27.44
C GLN A 256 18.18 11.72 -28.41
N GLY A 257 17.93 11.40 -29.68
CA GLY A 257 18.94 11.61 -30.70
C GLY A 257 18.48 11.08 -32.04
N GLU A 258 19.35 11.31 -33.03
CA GLU A 258 19.17 10.82 -34.40
C GLU A 258 19.02 9.31 -34.42
N GLY A 259 17.87 8.83 -34.90
CA GLY A 259 17.65 7.40 -34.96
C GLY A 259 17.25 6.76 -33.65
N ILE A 260 16.91 7.53 -32.64
CA ILE A 260 16.51 7.00 -31.34
C ILE A 260 15.01 7.23 -31.17
N TYR A 261 14.26 6.15 -30.94
CA TYR A 261 12.81 6.20 -30.68
C TYR A 261 12.51 5.60 -29.31
N VAL A 262 11.94 6.41 -28.42
CA VAL A 262 11.55 5.95 -27.09
C VAL A 262 10.03 5.83 -27.07
N LEU A 263 9.54 4.69 -26.61
CA LEU A 263 8.11 4.39 -26.47
C LEU A 263 7.83 3.95 -25.03
N ASN A 264 6.81 4.53 -24.42
CA ASN A 264 6.35 4.10 -23.10
C ASN A 264 5.78 2.67 -23.19
N GLY A 265 6.50 1.70 -22.65
CA GLY A 265 6.09 0.31 -22.78
C GLY A 265 4.98 -0.07 -21.81
N GLY A 266 4.12 -0.99 -22.21
CA GLY A 266 3.06 -1.49 -21.36
C GLY A 266 1.97 -0.47 -21.07
N VAL A 267 1.63 0.37 -22.03
CA VAL A 267 0.59 1.38 -21.89
C VAL A 267 -0.46 1.09 -22.96
N VAL A 268 -1.72 1.20 -22.60
CA VAL A 268 -2.80 1.00 -23.57
C VAL A 268 -3.62 2.27 -23.59
N GLU A 269 -4.40 2.41 -24.66
CA GLU A 269 -5.31 3.54 -24.78
C GLU A 269 -6.72 3.00 -25.02
N HIS A 270 -7.69 3.59 -24.35
CA HIS A 270 -9.08 3.15 -24.46
C HIS A 270 -9.82 3.97 -25.50
N CYS A 271 -10.84 3.36 -26.10
CA CYS A 271 -11.63 4.06 -27.11
C CYS A 271 -12.60 5.08 -26.50
N PHE A 272 -12.87 5.02 -25.19
CA PHE A 272 -13.76 5.97 -24.53
C PHE A 272 -12.97 6.74 -23.47
N ASP A 273 -13.36 8.01 -23.27
CA ASP A 273 -12.87 8.74 -22.11
C ASP A 273 -13.21 8.00 -20.82
N ILE A 274 -12.23 7.95 -19.90
CA ILE A 274 -12.44 7.46 -18.55
C ILE A 274 -12.37 8.65 -17.61
N ASP A 275 -13.37 8.77 -16.73
CA ASP A 275 -13.43 9.88 -15.77
C ASP A 275 -12.64 9.48 -14.53
N TRP A 276 -11.49 10.14 -14.32
CA TRP A 276 -10.57 9.84 -13.22
C TRP A 276 -9.39 10.81 -13.27
N GLN A 277 -8.68 10.88 -12.15
CA GLN A 277 -7.59 11.83 -11.98
C GLN A 277 -6.22 11.17 -11.89
N ILE A 278 -6.16 9.84 -11.75
CA ILE A 278 -4.88 9.23 -11.38
C ILE A 278 -3.92 9.16 -12.56
N MET A 279 -4.43 9.11 -13.79
CA MET A 279 -3.49 9.03 -14.90
C MET A 279 -2.90 10.39 -15.25
N SER A 280 -3.57 11.48 -14.88
CA SER A 280 -2.95 12.81 -14.91
C SER A 280 -1.75 12.84 -13.98
N ALA A 281 -1.97 12.38 -12.74
CA ALA A 281 -0.87 12.26 -11.79
C ALA A 281 0.25 11.39 -12.34
N ALA A 282 -0.09 10.44 -13.21
CA ALA A 282 0.91 9.53 -13.79
C ALA A 282 1.56 10.06 -15.06
N GLU A 283 1.10 11.21 -15.56
CA GLU A 283 1.71 11.88 -16.71
C GLU A 283 1.56 11.06 -17.99
N MET A 284 0.41 10.42 -18.17
CA MET A 284 0.07 9.92 -19.49
C MET A 284 -0.14 11.08 -20.45
N ALA A 285 0.24 10.85 -21.71
CA ALA A 285 0.07 11.87 -22.74
C ALA A 285 -1.41 12.25 -22.93
N ARG A 286 -2.31 11.26 -22.89
CA ARG A 286 -3.76 11.51 -22.88
C ARG A 286 -4.35 10.87 -21.62
N PRO A 287 -4.39 11.59 -20.50
CA PRO A 287 -4.69 10.94 -19.21
C PRO A 287 -6.14 10.54 -19.05
N GLU A 288 -7.00 11.00 -19.93
CA GLU A 288 -8.39 10.56 -19.95
C GLU A 288 -8.59 9.26 -20.71
N ARG A 289 -7.60 8.84 -21.52
CA ARG A 289 -7.72 7.63 -22.35
C ARG A 289 -6.70 6.56 -22.03
N GLN A 290 -5.53 6.91 -21.52
CA GLN A 290 -4.39 6.01 -21.50
C GLN A 290 -4.11 5.52 -20.10
N MET A 291 -3.59 4.30 -20.01
CA MET A 291 -3.32 3.73 -18.70
C MET A 291 -2.27 2.64 -18.82
N PHE A 292 -1.64 2.33 -17.68
CA PHE A 292 -0.74 1.18 -17.59
C PHE A 292 -1.46 -0.12 -17.84
N ALA A 293 -0.77 -1.04 -18.50
CA ALA A 293 -1.40 -2.30 -18.89
C ALA A 293 -1.78 -3.15 -17.67
N CYS A 294 -1.01 -3.08 -16.58
CA CYS A 294 -1.37 -3.91 -15.42
C CYS A 294 -2.70 -3.48 -14.83
N PHE A 295 -2.97 -2.17 -14.82
CA PHE A 295 -4.28 -1.69 -14.38
C PHE A 295 -5.37 -2.09 -15.37
N ALA A 296 -5.05 -2.06 -16.66
CA ALA A 296 -6.04 -2.50 -17.63
C ALA A 296 -6.39 -3.97 -17.43
N GLU A 297 -5.45 -4.80 -16.98
CA GLU A 297 -5.76 -6.20 -16.74
C GLU A 297 -6.88 -6.36 -15.70
N ALA A 298 -6.80 -5.62 -14.59
CA ALA A 298 -7.86 -5.70 -13.59
C ALA A 298 -9.20 -5.31 -14.19
N MET A 299 -9.20 -4.31 -15.06
CA MET A 299 -10.42 -3.90 -15.76
C MET A 299 -10.94 -5.02 -16.66
N LEU A 300 -10.03 -5.65 -17.40
CA LEU A 300 -10.39 -6.77 -18.25
C LEU A 300 -10.98 -7.92 -17.42
N LEU A 301 -10.34 -8.24 -16.30
CA LEU A 301 -10.86 -9.34 -15.48
C LEU A 301 -12.27 -9.03 -14.97
N GLU A 302 -12.53 -7.78 -14.59
CA GLU A 302 -13.87 -7.38 -14.19
C GLU A 302 -14.82 -7.33 -15.39
N PHE A 303 -14.35 -6.88 -16.56
CA PHE A 303 -15.20 -6.91 -17.75
C PHE A 303 -15.65 -8.33 -18.06
N GLU A 304 -14.73 -9.30 -17.99
CA GLU A 304 -15.04 -10.67 -18.34
C GLU A 304 -15.67 -11.46 -17.21
N GLY A 305 -15.58 -10.96 -15.98
CA GLY A 305 -15.95 -11.76 -14.83
C GLY A 305 -14.95 -12.86 -14.48
N TRP A 306 -13.66 -12.65 -14.76
CA TRP A 306 -12.63 -13.62 -14.41
C TRP A 306 -11.99 -13.21 -13.08
N HIS A 307 -12.77 -13.38 -12.01
CA HIS A 307 -12.38 -13.00 -10.66
C HIS A 307 -11.38 -14.00 -10.09
N THR A 308 -10.12 -13.85 -10.49
CA THR A 308 -9.07 -14.77 -10.07
C THR A 308 -7.71 -14.10 -10.24
N ASN A 309 -6.69 -14.69 -9.61
CA ASN A 309 -5.34 -14.16 -9.71
C ASN A 309 -4.72 -14.61 -11.03
N PHE A 310 -5.24 -14.00 -12.10
CA PHE A 310 -4.88 -14.35 -13.47
C PHE A 310 -3.38 -14.26 -13.72
N SER A 311 -2.72 -13.20 -13.23
CA SER A 311 -1.27 -13.11 -13.25
C SER A 311 -0.80 -13.19 -11.81
N TRP A 312 0.06 -14.14 -11.53
CA TRP A 312 0.48 -14.39 -10.16
C TRP A 312 1.86 -15.02 -10.18
N GLY A 313 2.65 -14.69 -9.17
CA GLY A 313 3.94 -15.32 -9.09
C GLY A 313 4.87 -14.83 -10.19
N ARG A 314 5.91 -15.63 -10.39
CA ARG A 314 7.01 -15.28 -11.27
C ARG A 314 7.24 -16.41 -12.25
N ASN A 315 7.36 -16.08 -13.53
CA ASN A 315 7.72 -17.02 -14.59
C ASN A 315 6.63 -18.04 -14.88
N GLN A 316 5.38 -17.75 -14.52
CA GLN A 316 4.28 -18.64 -14.82
C GLN A 316 3.45 -18.18 -16.01
N ILE A 317 3.83 -17.10 -16.69
CA ILE A 317 3.00 -16.55 -17.75
C ILE A 317 3.17 -17.41 -19.00
N THR A 318 2.07 -17.84 -19.60
CA THR A 318 2.10 -18.66 -20.80
C THR A 318 1.54 -17.90 -22.00
N ILE A 319 1.89 -18.40 -23.19
CA ILE A 319 1.45 -17.77 -24.44
C ILE A 319 -0.08 -17.80 -24.55
N GLU A 320 -0.71 -18.90 -24.14
CA GLU A 320 -2.16 -18.99 -24.20
C GLU A 320 -2.84 -17.98 -23.29
N LYS A 321 -2.31 -17.74 -22.08
CA LYS A 321 -2.84 -16.67 -21.22
C LYS A 321 -2.65 -15.31 -21.87
N MET A 322 -1.47 -15.06 -22.46
CA MET A 322 -1.24 -13.78 -23.15
C MET A 322 -2.20 -13.61 -24.32
N GLU A 323 -2.46 -14.70 -25.05
CA GLU A 323 -3.43 -14.62 -26.14
C GLU A 323 -4.82 -14.31 -25.60
N ALA A 324 -5.20 -14.93 -24.47
CA ALA A 324 -6.54 -14.78 -23.93
C ALA A 324 -6.77 -13.36 -23.41
N ILE A 325 -5.83 -12.82 -22.62
CA ILE A 325 -5.99 -11.45 -22.16
C ILE A 325 -5.87 -10.48 -23.32
N GLY A 326 -5.14 -10.86 -24.38
CA GLY A 326 -4.97 -9.95 -25.49
C GLY A 326 -6.23 -9.85 -26.32
N GLU A 327 -6.92 -10.98 -26.54
CA GLU A 327 -8.21 -10.95 -27.20
C GLU A 327 -9.23 -10.14 -26.39
N ALA A 328 -9.29 -10.37 -25.08
CA ALA A 328 -10.18 -9.56 -24.25
C ALA A 328 -9.80 -8.09 -24.36
N SER A 329 -8.50 -7.79 -24.43
CA SER A 329 -8.05 -6.40 -24.48
C SER A 329 -8.58 -5.68 -25.72
N VAL A 330 -8.42 -6.31 -26.89
CA VAL A 330 -8.96 -5.72 -28.12
C VAL A 330 -10.47 -5.64 -28.06
N ARG A 331 -11.13 -6.71 -27.60
CA ARG A 331 -12.59 -6.78 -27.61
C ARG A 331 -13.22 -5.67 -26.77
N HIS A 332 -12.65 -5.39 -25.61
CA HIS A 332 -13.26 -4.40 -24.75
C HIS A 332 -12.83 -2.98 -25.10
N GLY A 333 -12.01 -2.80 -26.13
CA GLY A 333 -11.73 -1.46 -26.61
C GLY A 333 -10.33 -0.92 -26.37
N PHE A 334 -9.39 -1.74 -25.90
CA PHE A 334 -8.04 -1.25 -25.64
C PHE A 334 -7.14 -1.48 -26.85
N GLN A 335 -6.17 -0.58 -27.04
CA GLN A 335 -5.18 -0.66 -28.10
C GLN A 335 -3.81 -0.30 -27.51
N PRO A 336 -2.74 -0.98 -27.91
CA PRO A 336 -1.40 -0.63 -27.44
C PRO A 336 -0.95 0.77 -27.83
N LEU A 337 -0.30 1.47 -26.89
CA LEU A 337 0.25 2.79 -27.22
C LEU A 337 1.30 2.63 -28.32
N ALA A 338 1.24 3.50 -29.32
CA ALA A 338 2.13 3.47 -30.47
C ALA A 338 3.14 4.61 -30.41
N LEU A 339 4.19 4.48 -31.22
CA LEU A 339 5.13 5.58 -31.46
C LEU A 339 4.42 6.87 -31.80
N ALA A 340 4.88 7.96 -31.20
CA ALA A 340 4.31 9.28 -31.41
C ALA A 340 5.11 9.98 -32.51
N ILE A 341 4.52 10.11 -33.69
CA ILE A 341 5.14 10.83 -34.79
C ILE A 341 4.29 12.03 -35.17
N ASP B 34 14.69 -9.06 22.98
CA ASP B 34 14.37 -10.48 23.12
C ASP B 34 14.83 -11.00 24.48
N PHE B 35 15.75 -10.30 25.13
CA PHE B 35 16.38 -10.84 26.33
C PHE B 35 15.37 -11.11 27.44
N GLN B 36 14.39 -10.20 27.60
CA GLN B 36 13.53 -10.15 28.79
C GLN B 36 14.36 -9.98 30.05
N SER B 37 15.48 -9.27 29.90
CA SER B 37 16.53 -9.16 30.90
C SER B 37 17.12 -7.76 30.86
N GLU B 38 17.46 -7.24 32.05
CA GLU B 38 18.11 -5.94 32.23
C GLU B 38 17.18 -4.78 31.89
N SER B 39 17.56 -3.96 30.91
CA SER B 39 16.79 -2.76 30.58
C SER B 39 15.35 -3.06 30.21
N TYR B 40 15.08 -4.26 29.71
CA TYR B 40 13.71 -4.63 29.36
C TYR B 40 12.79 -4.43 30.55
N LYS B 41 13.27 -4.73 31.77
CA LYS B 41 12.47 -4.55 32.98
C LYS B 41 12.30 -3.08 33.32
N ASP B 42 13.38 -2.30 33.20
CA ASP B 42 13.29 -0.84 33.34
C ASP B 42 12.21 -0.27 32.43
N ALA B 43 12.37 -0.49 31.11
CA ALA B 43 11.40 -0.02 30.14
C ALA B 43 10.00 -0.57 30.42
N TYR B 44 9.90 -1.86 30.70
CA TYR B 44 8.62 -2.48 30.99
C TYR B 44 7.95 -1.88 32.23
N SER B 45 8.72 -1.27 33.13
CA SER B 45 8.12 -0.67 34.32
C SER B 45 7.18 0.47 33.93
N ARG B 46 7.64 1.36 33.06
CA ARG B 46 6.79 2.46 32.63
C ARG B 46 5.70 2.00 31.65
N ILE B 47 6.04 1.11 30.73
CA ILE B 47 5.06 0.64 29.75
C ILE B 47 3.90 -0.04 30.46
N ASN B 48 4.22 -1.04 31.28
CA ASN B 48 3.18 -1.72 32.04
C ASN B 48 2.36 -0.70 32.85
N ALA B 49 3.06 0.24 33.49
CA ALA B 49 2.36 1.31 34.20
C ALA B 49 1.37 2.02 33.29
N ILE B 50 1.81 2.36 32.07
CA ILE B 50 0.96 3.10 31.14
C ILE B 50 -0.30 2.30 30.83
N VAL B 51 -0.16 0.99 30.66
CA VAL B 51 -1.30 0.18 30.24
C VAL B 51 -2.28 -0.03 31.39
N ILE B 52 -1.78 -0.23 32.62
CA ILE B 52 -2.67 -0.30 33.77
C ILE B 52 -3.49 0.99 33.88
N GLU B 53 -2.79 2.12 34.02
CA GLU B 53 -3.46 3.42 34.11
C GLU B 53 -4.37 3.66 32.93
N GLY B 54 -3.90 3.34 31.72
CA GLY B 54 -4.77 3.43 30.56
C GLY B 54 -6.07 2.66 30.75
N GLU B 55 -5.97 1.41 31.20
CA GLU B 55 -7.19 0.65 31.42
C GLU B 55 -7.99 1.21 32.61
N GLN B 56 -7.31 1.85 33.57
CA GLN B 56 -8.02 2.53 34.66
C GLN B 56 -8.80 3.74 34.15
N GLU B 57 -8.13 4.64 33.41
CA GLU B 57 -8.81 5.78 32.82
C GLU B 57 -10.00 5.35 31.99
N ALA B 58 -9.87 4.20 31.33
CA ALA B 58 -10.98 3.72 30.51
C ALA B 58 -12.16 3.32 31.38
N PHE B 59 -11.90 2.59 32.46
CA PHE B 59 -12.99 2.22 33.37
C PHE B 59 -13.76 3.45 33.82
N ASP B 60 -13.05 4.44 34.36
CA ASP B 60 -13.68 5.66 34.84
C ASP B 60 -14.40 6.42 33.72
N ASN B 61 -13.72 6.63 32.59
CA ASN B 61 -14.33 7.40 31.51
C ASN B 61 -15.65 6.76 31.08
N TYR B 62 -15.70 5.43 31.08
CA TYR B 62 -16.92 4.74 30.66
C TYR B 62 -18.01 4.83 31.72
N ASN B 63 -17.62 4.79 33.00
CA ASN B 63 -18.60 5.02 34.05
C ASN B 63 -19.24 6.40 33.91
N ARG B 64 -18.41 7.44 33.72
CA ARG B 64 -18.95 8.79 33.62
C ARG B 64 -19.79 8.96 32.37
N LEU B 65 -19.44 8.27 31.28
CA LEU B 65 -20.28 8.28 30.10
C LEU B 65 -21.63 7.64 30.39
N ALA B 66 -21.67 6.65 31.27
CA ALA B 66 -22.94 6.01 31.64
C ALA B 66 -23.91 7.02 32.24
N GLU B 67 -23.40 7.83 33.19
CA GLU B 67 -24.18 8.96 33.68
C GLU B 67 -24.55 9.90 32.55
N MET B 68 -23.59 10.22 31.68
CA MET B 68 -23.83 11.22 30.63
C MET B 68 -24.84 10.74 29.59
N LEU B 69 -24.87 9.44 29.31
CA LEU B 69 -25.87 8.87 28.40
C LEU B 69 -26.78 7.93 29.17
N PRO B 70 -28.00 8.32 29.50
CA PRO B 70 -28.84 7.47 30.35
C PRO B 70 -29.42 6.27 29.61
N ASP B 71 -29.87 6.50 28.36
CA ASP B 71 -30.57 5.49 27.58
C ASP B 71 -29.68 4.34 27.15
N GLN B 72 -28.36 4.44 27.35
CA GLN B 72 -27.44 3.32 27.20
C GLN B 72 -26.60 3.09 28.44
N ARG B 73 -27.08 3.55 29.61
CA ARG B 73 -26.32 3.42 30.85
C ARG B 73 -25.95 1.95 31.12
N ASP B 74 -26.87 1.03 30.81
CA ASP B 74 -26.59 -0.39 30.98
C ASP B 74 -25.46 -0.83 30.06
N GLU B 75 -25.62 -0.58 28.76
CA GLU B 75 -24.60 -1.00 27.80
C GLU B 75 -23.23 -0.42 28.15
N LEU B 76 -23.17 0.88 28.48
CA LEU B 76 -21.90 1.49 28.84
C LEU B 76 -21.30 0.87 30.08
N HIS B 77 -22.13 0.60 31.08
CA HIS B 77 -21.64 -0.05 32.30
C HIS B 77 -21.01 -1.40 31.98
N LYS B 78 -21.49 -2.08 30.94
CA LYS B 78 -20.90 -3.35 30.52
C LYS B 78 -19.47 -3.14 30.02
N LEU B 79 -19.30 -2.23 29.04
CA LEU B 79 -17.97 -1.95 28.53
C LEU B 79 -17.03 -1.51 29.64
N ALA B 80 -17.54 -0.74 30.60
CA ALA B 80 -16.72 -0.24 31.70
C ALA B 80 -16.16 -1.38 32.53
N LYS B 81 -17.00 -2.37 32.85
CA LYS B 81 -16.55 -3.49 33.67
C LYS B 81 -15.53 -4.33 32.90
N MET B 82 -15.86 -4.69 31.66
CA MET B 82 -14.93 -5.36 30.76
C MET B 82 -13.55 -4.68 30.70
N GLU B 83 -13.47 -3.39 31.04
CA GLU B 83 -12.19 -2.70 31.07
C GLU B 83 -11.37 -3.08 32.31
N GLN B 84 -12.01 -3.09 33.48
CA GLN B 84 -11.34 -3.52 34.71
C GLN B 84 -10.72 -4.90 34.54
N ARG B 85 -11.40 -5.80 33.82
CA ARG B 85 -10.85 -7.12 33.59
C ARG B 85 -9.53 -7.04 32.84
N HIS B 86 -9.45 -6.16 31.81
CA HIS B 86 -8.18 -5.94 31.13
C HIS B 86 -7.10 -5.46 32.10
N MET B 87 -7.46 -4.52 32.98
CA MET B 87 -6.49 -4.01 33.94
C MET B 87 -5.93 -5.13 34.82
N LYS B 88 -6.80 -6.03 35.29
CA LYS B 88 -6.33 -7.22 35.99
C LYS B 88 -5.36 -8.01 35.13
N GLY B 89 -5.76 -8.27 33.87
CA GLY B 89 -4.88 -9.02 32.97
C GLY B 89 -3.48 -8.45 32.88
N PHE B 90 -3.38 -7.12 32.76
CA PHE B 90 -2.06 -6.50 32.62
C PHE B 90 -1.35 -6.35 33.95
N MET B 91 -2.10 -6.27 35.05
CA MET B 91 -1.48 -6.45 36.37
C MET B 91 -0.74 -7.77 36.42
N ALA B 92 -1.40 -8.85 35.97
CA ALA B 92 -0.78 -10.16 35.90
C ALA B 92 0.49 -10.15 35.05
N CYS B 93 0.45 -9.49 33.88
CA CYS B 93 1.63 -9.47 33.00
C CYS B 93 2.82 -8.84 33.71
N GLY B 94 2.60 -7.75 34.45
CA GLY B 94 3.68 -7.17 35.22
C GLY B 94 4.13 -8.06 36.37
N LYS B 95 3.23 -8.90 36.87
CA LYS B 95 3.54 -9.82 37.95
C LYS B 95 4.56 -10.86 37.49
N ASN B 96 4.12 -11.85 36.71
CA ASN B 96 5.00 -12.98 36.42
C ASN B 96 6.25 -12.60 35.65
N LEU B 97 6.37 -11.36 35.20
CA LEU B 97 7.65 -10.89 34.68
C LEU B 97 8.46 -10.15 35.75
N SER B 98 7.99 -10.16 37.00
CA SER B 98 8.72 -9.63 38.15
C SER B 98 8.90 -8.12 38.09
N VAL B 99 7.90 -7.41 37.54
CA VAL B 99 8.01 -5.98 37.32
C VAL B 99 7.07 -5.25 38.27
N THR B 100 7.54 -4.13 38.82
CA THR B 100 6.71 -3.23 39.60
C THR B 100 6.41 -1.98 38.79
N PRO B 101 5.15 -1.71 38.46
CA PRO B 101 4.84 -0.62 37.52
C PRO B 101 4.87 0.76 38.20
N ASP B 102 5.54 1.71 37.55
CA ASP B 102 5.60 3.08 38.02
C ASP B 102 4.27 3.81 37.84
N MET B 103 3.37 3.70 38.82
CA MET B 103 2.05 4.34 38.69
C MET B 103 2.14 5.86 38.65
N GLY B 104 3.21 6.44 39.20
CA GLY B 104 3.37 7.89 39.11
C GLY B 104 3.56 8.35 37.67
N PHE B 105 4.53 7.75 36.98
CA PHE B 105 4.82 8.08 35.59
C PHE B 105 3.57 7.97 34.72
N ALA B 106 2.85 6.85 34.84
CA ALA B 106 1.68 6.62 34.01
C ALA B 106 0.59 7.65 34.26
N GLN B 107 0.51 8.19 35.49
CA GLN B 107 -0.49 9.21 35.79
C GLN B 107 -0.10 10.55 35.16
N LYS B 108 1.20 10.87 35.14
CA LYS B 108 1.67 12.03 34.40
C LYS B 108 1.48 11.85 32.90
N PHE B 109 1.58 10.60 32.43
CA PHE B 109 1.49 10.31 31.00
C PHE B 109 0.11 10.66 30.45
N PHE B 110 -0.94 10.42 31.23
CA PHE B 110 -2.31 10.62 30.77
C PHE B 110 -2.92 11.91 31.28
N GLU B 111 -2.13 12.77 31.93
CA GLU B 111 -2.70 13.93 32.62
C GLU B 111 -3.50 14.80 31.67
N ARG B 112 -2.94 15.11 30.49
CA ARG B 112 -3.58 16.06 29.58
C ARG B 112 -4.91 15.51 29.06
N LEU B 113 -4.94 14.24 28.69
CA LEU B 113 -6.15 13.62 28.15
C LEU B 113 -7.17 13.37 29.24
N HIS B 114 -6.71 12.97 30.42
CA HIS B 114 -7.55 13.01 31.60
C HIS B 114 -8.11 14.41 31.80
N GLU B 115 -7.23 15.40 31.93
CA GLU B 115 -7.65 16.78 32.11
C GLU B 115 -8.66 17.18 31.05
N ASN B 116 -8.39 16.85 29.78
CA ASN B 116 -9.33 17.19 28.73
C ASN B 116 -10.62 16.40 28.86
N PHE B 117 -10.56 15.17 29.37
CA PHE B 117 -11.79 14.40 29.54
C PHE B 117 -12.63 14.98 30.66
N LYS B 118 -12.03 15.21 31.82
CA LYS B 118 -12.79 15.70 32.97
C LYS B 118 -13.48 17.03 32.64
N ALA B 119 -12.78 17.92 31.96
CA ALA B 119 -13.35 19.23 31.65
C ALA B 119 -14.49 19.11 30.64
N ALA B 120 -14.37 18.21 29.68
CA ALA B 120 -15.44 18.04 28.69
C ALA B 120 -16.68 17.44 29.33
N ALA B 121 -16.50 16.44 30.20
CA ALA B 121 -17.64 15.83 30.88
C ALA B 121 -18.33 16.83 31.79
N ALA B 122 -17.54 17.56 32.59
CA ALA B 122 -18.08 18.63 33.42
C ALA B 122 -18.95 19.59 32.62
N GLU B 123 -18.58 19.86 31.38
CA GLU B 123 -19.36 20.75 30.52
C GLU B 123 -20.46 20.00 29.75
N GLY B 124 -20.68 18.72 30.03
CA GLY B 124 -21.74 18.00 29.37
C GLY B 124 -21.52 17.70 27.90
N LYS B 125 -20.28 17.81 27.41
CA LYS B 125 -19.97 17.62 26.00
C LYS B 125 -19.69 16.14 25.76
N VAL B 126 -20.75 15.37 25.46
CA VAL B 126 -20.56 13.93 25.34
C VAL B 126 -19.80 13.58 24.07
N VAL B 127 -20.08 14.29 22.96
CA VAL B 127 -19.42 14.01 21.69
C VAL B 127 -17.90 14.03 21.86
N THR B 128 -17.41 14.95 22.69
CA THR B 128 -15.96 15.08 22.92
C THR B 128 -15.46 13.95 23.80
N CYS B 129 -16.25 13.55 24.79
CA CYS B 129 -15.89 12.42 25.65
C CYS B 129 -15.76 11.15 24.84
N LEU B 130 -16.72 10.89 23.96
CA LEU B 130 -16.68 9.69 23.13
C LEU B 130 -15.41 9.66 22.28
N LEU B 131 -15.08 10.79 21.64
CA LEU B 131 -13.89 10.83 20.79
C LEU B 131 -12.64 10.55 21.60
N ILE B 132 -12.55 11.09 22.81
CA ILE B 132 -11.34 10.86 23.59
C ILE B 132 -11.23 9.39 23.98
N GLN B 133 -12.34 8.78 24.39
CA GLN B 133 -12.26 7.45 25.02
C GLN B 133 -12.41 6.33 24.01
N SER B 134 -13.50 6.34 23.24
CA SER B 134 -13.82 5.23 22.35
C SER B 134 -13.15 5.35 20.99
N LEU B 135 -12.72 6.54 20.58
CA LEU B 135 -11.98 6.64 19.34
C LEU B 135 -10.49 6.72 19.62
N ILE B 136 -10.04 7.77 20.29
CA ILE B 136 -8.61 8.01 20.40
C ILE B 136 -7.94 7.00 21.31
N ILE B 137 -8.47 6.79 22.52
CA ILE B 137 -7.76 5.92 23.47
C ILE B 137 -7.85 4.45 23.03
N GLU B 138 -9.02 4.03 22.53
CA GLU B 138 -9.14 2.66 22.01
C GLU B 138 -8.15 2.41 20.87
N CYS B 139 -8.13 3.30 19.86
CA CYS B 139 -7.22 3.11 18.74
C CYS B 139 -5.77 3.20 19.17
N PHE B 140 -5.48 3.98 20.22
CA PHE B 140 -4.14 3.93 20.80
C PHE B 140 -3.82 2.54 21.34
N ALA B 141 -4.80 1.90 21.99
CA ALA B 141 -4.58 0.58 22.56
C ALA B 141 -4.47 -0.48 21.47
N ILE B 142 -5.35 -0.41 20.46
CA ILE B 142 -5.28 -1.30 19.31
C ILE B 142 -3.89 -1.26 18.67
N ALA B 143 -3.40 -0.05 18.38
CA ALA B 143 -2.07 0.07 17.81
C ALA B 143 -1.01 -0.53 18.74
N ALA B 144 -1.02 -0.10 20.00
CA ALA B 144 -0.01 -0.53 20.95
C ALA B 144 0.02 -2.06 21.07
N TYR B 145 -1.15 -2.68 21.23
CA TYR B 145 -1.19 -4.10 21.52
C TYR B 145 -0.79 -4.92 20.29
N ASN B 146 -1.34 -4.56 19.12
CA ASN B 146 -0.95 -5.21 17.86
C ASN B 146 0.55 -5.24 17.70
N ILE B 147 1.21 -4.10 17.91
CA ILE B 147 2.65 -4.02 17.78
C ILE B 147 3.32 -4.82 18.88
N TYR B 148 2.66 -4.97 20.03
CA TYR B 148 3.28 -5.59 21.19
C TYR B 148 3.33 -7.12 21.06
N ILE B 149 2.22 -7.72 20.66
CA ILE B 149 2.03 -9.17 20.61
C ILE B 149 3.20 -9.91 19.98
N PRO B 150 3.65 -9.59 18.75
CA PRO B 150 4.72 -10.38 18.12
C PRO B 150 6.06 -10.26 18.82
N VAL B 151 6.23 -9.29 19.74
CA VAL B 151 7.46 -9.11 20.47
C VAL B 151 7.26 -9.36 21.97
N ALA B 152 6.09 -9.84 22.37
CA ALA B 152 5.85 -10.12 23.77
C ALA B 152 6.39 -11.49 24.14
N ASP B 153 6.81 -11.64 25.40
CA ASP B 153 6.99 -12.98 25.93
C ASP B 153 5.66 -13.75 25.84
N ALA B 154 5.77 -15.07 25.93
CA ALA B 154 4.63 -15.92 25.57
C ALA B 154 3.42 -15.65 26.46
N PHE B 155 3.64 -15.43 27.75
CA PHE B 155 2.51 -15.26 28.65
C PHE B 155 1.77 -13.95 28.38
N ALA B 156 2.49 -12.84 28.36
CA ALA B 156 1.87 -11.54 28.07
C ALA B 156 1.24 -11.53 26.69
N ARG B 157 1.90 -12.18 25.71
CA ARG B 157 1.35 -12.27 24.36
C ARG B 157 0.00 -12.97 24.37
N LYS B 158 -0.12 -14.08 25.11
CA LYS B 158 -1.38 -14.79 25.17
C LYS B 158 -2.50 -13.90 25.71
N ILE B 159 -2.22 -13.18 26.80
CA ILE B 159 -3.22 -12.31 27.40
C ILE B 159 -3.51 -11.13 26.49
N THR B 160 -2.47 -10.45 26.00
CA THR B 160 -2.65 -9.31 25.13
C THR B 160 -3.57 -9.66 23.97
N GLU B 161 -3.38 -10.83 23.36
CA GLU B 161 -4.23 -11.27 22.26
C GLU B 161 -5.70 -11.39 22.68
N GLY B 162 -5.98 -11.56 23.97
CA GLY B 162 -7.36 -11.57 24.40
C GLY B 162 -7.99 -10.19 24.36
N VAL B 163 -7.26 -9.17 24.83
CA VAL B 163 -7.84 -7.84 25.00
C VAL B 163 -8.08 -7.17 23.65
N VAL B 164 -7.20 -7.40 22.68
CA VAL B 164 -7.21 -6.57 21.47
C VAL B 164 -8.53 -6.67 20.74
N ARG B 165 -9.23 -7.80 20.87
CA ARG B 165 -10.46 -7.91 20.12
C ARG B 165 -11.60 -7.23 20.86
N ASP B 166 -11.52 -7.15 22.18
CA ASP B 166 -12.48 -6.35 22.94
C ASP B 166 -12.37 -4.87 22.54
N GLU B 167 -11.14 -4.34 22.48
CA GLU B 167 -10.95 -2.93 22.16
C GLU B 167 -11.61 -2.56 20.84
N TYR B 168 -11.51 -3.45 19.83
CA TYR B 168 -12.22 -3.20 18.57
C TYR B 168 -13.72 -3.06 18.81
N LEU B 169 -14.26 -3.78 19.80
CA LEU B 169 -15.69 -3.71 20.05
C LEU B 169 -16.08 -2.46 20.82
N HIS B 170 -15.20 -1.97 21.71
CA HIS B 170 -15.43 -0.68 22.35
C HIS B 170 -15.38 0.44 21.33
N ARG B 171 -14.38 0.41 20.45
CA ARG B 171 -14.31 1.35 19.34
C ARG B 171 -15.64 1.42 18.61
N ASN B 172 -16.23 0.25 18.32
CA ASN B 172 -17.47 0.21 17.57
C ASN B 172 -18.65 0.83 18.32
N PHE B 173 -18.58 0.92 19.65
CA PHE B 173 -19.66 1.63 20.35
C PHE B 173 -19.63 3.12 20.04
N GLY B 174 -18.48 3.76 20.30
CA GLY B 174 -18.31 5.14 19.88
C GLY B 174 -18.65 5.34 18.41
N GLU B 175 -18.21 4.41 17.56
CA GLU B 175 -18.48 4.52 16.12
C GLU B 175 -19.97 4.60 15.85
N GLU B 176 -20.75 3.67 16.42
CA GLU B 176 -22.16 3.55 16.07
C GLU B 176 -22.98 4.69 16.65
N TRP B 177 -22.68 5.11 17.89
CA TRP B 177 -23.37 6.27 18.43
C TRP B 177 -23.15 7.50 17.56
N LEU B 178 -21.89 7.94 17.45
CA LEU B 178 -21.58 9.12 16.64
C LEU B 178 -22.09 8.97 15.21
N LYS B 179 -22.12 7.75 14.68
CA LYS B 179 -22.71 7.53 13.36
C LYS B 179 -24.19 7.84 13.36
N ALA B 180 -24.90 7.47 14.44
CA ALA B 180 -26.31 7.79 14.54
C ALA B 180 -26.52 9.29 14.67
N ASN B 181 -25.63 9.97 15.37
CA ASN B 181 -25.73 11.41 15.59
C ASN B 181 -24.63 12.18 14.85
N PHE B 182 -24.39 11.82 13.59
CA PHE B 182 -23.24 12.37 12.89
C PHE B 182 -23.46 13.84 12.55
N ASP B 183 -24.57 14.17 11.89
CA ASP B 183 -24.83 15.54 11.50
C ASP B 183 -24.77 16.48 12.69
N ALA B 184 -25.28 16.03 13.84
CA ALA B 184 -25.31 16.87 15.03
C ALA B 184 -23.95 16.95 15.72
N SER B 185 -23.05 15.98 15.49
CA SER B 185 -21.82 15.89 16.25
C SER B 185 -20.58 16.27 15.45
N LYS B 186 -20.68 16.43 14.13
CA LYS B 186 -19.50 16.55 13.27
C LYS B 186 -18.57 17.65 13.75
N ALA B 187 -19.08 18.89 13.89
CA ALA B 187 -18.22 20.02 14.20
C ALA B 187 -17.47 19.82 15.51
N GLU B 188 -18.15 19.30 16.53
CA GLU B 188 -17.46 19.08 17.80
C GLU B 188 -16.44 17.95 17.69
N LEU B 189 -16.72 16.93 16.87
CA LEU B 189 -15.73 15.89 16.61
C LEU B 189 -14.48 16.49 15.98
N GLU B 190 -14.65 17.32 14.94
CA GLU B 190 -13.51 18.00 14.35
C GLU B 190 -12.76 18.82 15.40
N GLU B 191 -13.49 19.51 16.27
CA GLU B 191 -12.83 20.31 17.30
C GLU B 191 -12.12 19.42 18.29
N ALA B 192 -12.79 18.35 18.76
CA ALA B 192 -12.13 17.49 19.72
C ALA B 192 -10.94 16.75 19.10
N ASN B 193 -11.04 16.40 17.82
CA ASN B 193 -9.86 15.81 17.18
C ASN B 193 -8.68 16.77 17.24
N ARG B 194 -8.93 18.05 16.94
CA ARG B 194 -7.85 19.02 16.94
C ARG B 194 -7.29 19.23 18.35
N GLN B 195 -8.13 19.20 19.36
CA GLN B 195 -7.65 19.47 20.71
C GLN B 195 -6.90 18.29 21.32
N ASN B 196 -7.17 17.07 20.87
CA ASN B 196 -6.67 15.89 21.56
C ASN B 196 -5.75 15.00 20.73
N LEU B 197 -5.95 14.90 19.43
CA LEU B 197 -5.05 14.07 18.64
C LEU B 197 -3.59 14.48 18.77
N PRO B 198 -3.23 15.77 18.86
CA PRO B 198 -1.82 16.09 19.06
C PRO B 198 -1.23 15.53 20.36
N LEU B 199 -2.05 15.28 21.37
CA LEU B 199 -1.52 14.61 22.56
C LEU B 199 -1.02 13.21 22.25
N VAL B 200 -1.71 12.50 21.35
CA VAL B 200 -1.26 11.15 20.97
C VAL B 200 0.16 11.22 20.45
N TRP B 201 0.44 12.20 19.57
CA TRP B 201 1.78 12.31 19.00
C TRP B 201 2.81 12.64 20.07
N LEU B 202 2.47 13.55 20.99
CA LEU B 202 3.38 13.86 22.08
C LEU B 202 3.62 12.62 22.94
N MET B 203 2.54 11.90 23.27
CA MET B 203 2.66 10.68 24.08
C MET B 203 3.53 9.62 23.41
N LEU B 204 3.35 9.40 22.10
N LEU B 204 3.35 9.40 22.11
CA LEU B 204 4.17 8.42 21.40
CA LEU B 204 4.17 8.41 21.43
C LEU B 204 5.63 8.84 21.38
C LEU B 204 5.64 8.83 21.42
N ASN B 205 5.90 10.14 21.40
CA ASN B 205 7.28 10.61 21.43
C ASN B 205 7.90 10.37 22.81
N GLU B 206 7.16 10.73 23.87
CA GLU B 206 7.63 10.46 25.23
C GLU B 206 8.03 9.00 25.39
N VAL B 207 7.17 8.09 24.96
CA VAL B 207 7.32 6.67 25.24
C VAL B 207 8.13 5.93 24.19
N ALA B 208 8.67 6.65 23.20
CA ALA B 208 9.23 6.02 22.00
C ALA B 208 10.36 5.04 22.31
N ASP B 209 11.51 5.57 22.76
CA ASP B 209 12.69 4.71 22.95
C ASP B 209 12.44 3.67 24.02
N ASP B 210 11.71 4.04 25.06
CA ASP B 210 11.11 3.06 25.96
C ASP B 210 10.52 1.90 25.16
N ALA B 211 9.53 2.19 24.32
CA ALA B 211 8.86 1.15 23.53
C ALA B 211 9.84 0.40 22.64
N ARG B 212 10.88 1.07 22.15
CA ARG B 212 11.91 0.41 21.36
C ARG B 212 12.56 -0.74 22.13
N GLU B 213 12.91 -0.50 23.40
CA GLU B 213 13.54 -1.55 24.21
C GLU B 213 12.69 -2.80 24.26
N LEU B 214 11.36 -2.63 24.33
CA LEU B 214 10.45 -3.78 24.25
C LEU B 214 10.31 -4.34 22.84
N GLY B 215 11.10 -3.83 21.88
CA GLY B 215 11.07 -4.34 20.51
C GLY B 215 10.01 -3.77 19.60
N MET B 216 9.54 -2.55 19.83
CA MET B 216 8.43 -1.98 19.07
C MET B 216 8.84 -0.63 18.50
N GLU B 217 8.66 -0.48 17.19
CA GLU B 217 9.11 0.71 16.49
C GLU B 217 8.03 1.78 16.49
N ARG B 218 8.46 3.02 16.70
CA ARG B 218 7.57 4.17 16.63
C ARG B 218 6.83 4.21 15.28
N GLU B 219 7.56 4.00 14.19
CA GLU B 219 6.98 4.05 12.86
C GLU B 219 5.78 3.13 12.73
N SER B 220 5.90 1.90 13.24
CA SER B 220 4.78 0.97 13.17
C SER B 220 3.63 1.39 14.09
N LEU B 221 3.96 2.01 15.22
CA LEU B 221 2.90 2.47 16.12
C LEU B 221 2.07 3.57 15.48
N VAL B 222 2.73 4.54 14.84
CA VAL B 222 1.98 5.62 14.17
C VAL B 222 1.03 5.04 13.12
N GLU B 223 1.56 4.13 12.30
CA GLU B 223 0.81 3.55 11.20
C GLU B 223 -0.41 2.81 11.69
N ASP B 224 -0.23 1.96 12.71
CA ASP B 224 -1.36 1.18 13.22
C ASP B 224 -2.41 2.08 13.83
N PHE B 225 -1.98 3.09 14.58
CA PHE B 225 -2.94 4.06 15.11
C PHE B 225 -3.72 4.74 13.98
N MET B 226 -3.01 5.27 12.98
CA MET B 226 -3.69 5.95 11.88
C MET B 226 -4.65 5.02 11.15
N ILE B 227 -4.27 3.75 11.01
CA ILE B 227 -5.14 2.81 10.32
C ILE B 227 -6.42 2.61 11.11
N ALA B 228 -6.31 2.32 12.42
CA ALA B 228 -7.50 2.06 13.22
C ALA B 228 -8.35 3.32 13.41
N TYR B 229 -7.71 4.48 13.60
CA TYR B 229 -8.46 5.73 13.80
C TYR B 229 -9.15 6.18 12.52
N GLY B 230 -8.43 6.16 11.41
CA GLY B 230 -9.06 6.44 10.13
C GLY B 230 -10.24 5.52 9.84
N GLU B 231 -10.13 4.25 10.25
CA GLU B 231 -11.23 3.32 10.01
C GLU B 231 -12.47 3.74 10.77
N ALA B 232 -12.33 4.00 12.07
CA ALA B 232 -13.48 4.43 12.86
C ALA B 232 -14.11 5.71 12.28
N LEU B 233 -13.28 6.64 11.79
CA LEU B 233 -13.82 7.90 11.29
C LEU B 233 -14.63 7.67 10.02
N GLU B 234 -14.19 6.75 9.17
CA GLU B 234 -14.93 6.41 7.95
C GLU B 234 -16.27 5.78 8.28
N ASN B 235 -16.29 4.84 9.24
CA ASN B 235 -17.54 4.26 9.69
C ASN B 235 -18.48 5.34 10.22
N ILE B 236 -17.93 6.34 10.92
CA ILE B 236 -18.77 7.36 11.53
C ILE B 236 -19.42 8.25 10.49
N GLY B 237 -18.72 8.53 9.39
CA GLY B 237 -19.32 9.29 8.32
C GLY B 237 -18.38 10.21 7.57
N PHE B 238 -17.17 10.38 8.10
CA PHE B 238 -16.23 11.30 7.47
C PHE B 238 -15.79 10.75 6.13
N THR B 239 -15.44 11.67 5.23
CA THR B 239 -14.93 11.31 3.92
C THR B 239 -13.41 11.19 3.96
N THR B 240 -12.85 10.71 2.85
CA THR B 240 -11.42 10.39 2.81
C THR B 240 -10.56 11.62 3.00
N ARG B 241 -10.89 12.71 2.29
CA ARG B 241 -10.10 13.93 2.49
C ARG B 241 -10.26 14.48 3.91
N GLU B 242 -11.46 14.35 4.49
CA GLU B 242 -11.62 14.72 5.90
C GLU B 242 -10.74 13.86 6.79
N ILE B 243 -10.81 12.54 6.64
CA ILE B 243 -10.00 11.64 7.46
C ILE B 243 -8.51 11.95 7.30
N MET B 244 -8.08 12.22 6.08
CA MET B 244 -6.68 12.50 5.86
C MET B 244 -6.26 13.79 6.54
N ARG B 245 -7.12 14.80 6.51
CA ARG B 245 -6.85 16.02 7.28
C ARG B 245 -6.89 15.75 8.78
N MET B 246 -7.88 14.97 9.24
CA MET B 246 -8.03 14.80 10.69
C MET B 246 -6.92 13.91 11.27
N SER B 247 -6.60 12.80 10.57
CA SER B 247 -5.69 11.78 11.10
C SER B 247 -4.27 12.29 11.23
N ALA B 248 -3.87 13.24 10.40
CA ALA B 248 -2.50 13.72 10.43
C ALA B 248 -2.36 15.00 11.23
N TYR B 249 -3.43 15.47 11.88
CA TYR B 249 -3.37 16.75 12.58
C TYR B 249 -2.38 16.70 13.73
N GLY B 250 -1.44 17.64 13.73
CA GLY B 250 -0.39 17.71 14.73
C GLY B 250 0.85 16.93 14.39
N LEU B 251 0.78 16.01 13.43
CA LEU B 251 1.91 15.17 13.05
C LEU B 251 2.90 15.96 12.21
#